data_7VV9
#
_entry.id   7VV9
#
_cell.length_a   101.238
_cell.length_b   101.238
_cell.length_c   124.371
_cell.angle_alpha   90.000
_cell.angle_beta   90.000
_cell.angle_gamma   120.000
#
_symmetry.space_group_name_H-M   'P 61 2 2'
#
loop_
_entity.id
_entity.type
_entity.pdbx_description
1 polymer 'GTPase HRas'
2 polymer 'Target of rapamycin complex 2 subunit MAPKAP1'
3 non-polymer 'PHOSPHOAMINOPHOSPHONIC ACID-GUANYLATE ESTER'
4 non-polymer 'MAGNESIUM ION'
5 water water
#
loop_
_entity_poly.entity_id
_entity_poly.type
_entity_poly.pdbx_seq_one_letter_code
_entity_poly.pdbx_strand_id
1 'polypeptide(L)'
;MTEYKLVVVGAGGVGKSALTIQLIQNHFVDEYDPTIEDSYRKQVVIDGETCLLDILDTAGQEEYSAMRDQYMRTGEGFLC
VFAINNTKSFEDIHQYREQIKRVKDSDDVPMVLVGNKCDLAARTVESRQAQDLARSYGIPYIETSAKTRQGVEDAFYTLV
REIRQHKLRK
;
A
2 'polypeptide(L)'
;SKESLFVRINAAHGFSLIQVDNTKVTMKEILLKAVKRRKGSQKVSGPQYRLEKQSEPNVAVDLDSTLESQSAWEFCLVRE
NSSRAD
;
C
#
loop_
_chem_comp.id
_chem_comp.type
_chem_comp.name
_chem_comp.formula
GNP non-polymer 'PHOSPHOAMINOPHOSPHONIC ACID-GUANYLATE ESTER' 'C10 H17 N6 O13 P3'
MG non-polymer 'MAGNESIUM ION' 'Mg 2'
#
# COMPACT_ATOMS: atom_id res chain seq x y z
N MET A 1 11.44 -18.55 0.93
CA MET A 1 10.62 -18.63 2.13
C MET A 1 9.15 -18.30 1.87
N THR A 2 8.34 -18.44 2.91
CA THR A 2 6.92 -18.21 2.76
C THR A 2 6.65 -16.72 2.58
N GLU A 3 5.81 -16.38 1.60
CA GLU A 3 5.43 -14.99 1.34
C GLU A 3 3.94 -14.81 1.60
N TYR A 4 3.57 -13.71 2.25
CA TYR A 4 2.18 -13.40 2.54
C TYR A 4 1.80 -12.13 1.79
N LYS A 5 0.76 -12.22 0.97
CA LYS A 5 0.26 -11.10 0.19
C LYS A 5 -0.80 -10.38 1.04
N LEU A 6 -0.41 -9.28 1.65
CA LEU A 6 -1.32 -8.50 2.47
C LEU A 6 -1.72 -7.24 1.71
N VAL A 7 -2.98 -6.82 1.87
CA VAL A 7 -3.53 -5.71 1.12
C VAL A 7 -4.11 -4.72 2.11
N VAL A 8 -3.79 -3.42 1.93
CA VAL A 8 -4.28 -2.35 2.79
C VAL A 8 -5.32 -1.57 2.00
N VAL A 9 -6.57 -1.56 2.49
CA VAL A 9 -7.69 -0.95 1.78
C VAL A 9 -8.40 0.03 2.71
N GLY A 10 -9.16 0.94 2.09
CA GLY A 10 -9.90 1.97 2.84
C GLY A 10 -9.98 3.28 2.10
N ALA A 11 -10.80 4.18 2.62
CA ALA A 11 -11.10 5.43 1.95
C ALA A 11 -9.85 6.31 1.81
N GLY A 12 -9.96 7.30 0.92
CA GLY A 12 -8.84 8.19 0.70
C GLY A 12 -8.47 8.96 1.96
N GLY A 13 -7.17 9.03 2.23
CA GLY A 13 -6.65 9.85 3.30
C GLY A 13 -6.61 9.22 4.67
N VAL A 14 -7.07 7.98 4.83
CA VAL A 14 -7.14 7.40 6.18
C VAL A 14 -5.78 6.99 6.72
N GLY A 15 -4.76 6.94 5.89
CA GLY A 15 -3.41 6.62 6.32
C GLY A 15 -2.91 5.24 5.86
N LYS A 16 -3.46 4.68 4.78
CA LYS A 16 -2.98 3.39 4.30
C LYS A 16 -1.51 3.42 3.95
N SER A 17 -1.07 4.44 3.20
CA SER A 17 0.34 4.53 2.83
C SER A 17 1.21 4.81 4.04
N ALA A 18 0.76 5.70 4.92
CA ALA A 18 1.57 5.98 6.09
C ALA A 18 1.73 4.73 6.96
N LEU A 19 0.68 3.92 7.07
CA LEU A 19 0.79 2.68 7.83
C LEU A 19 1.82 1.76 7.18
N THR A 20 1.73 1.61 5.86
CA THR A 20 2.64 0.72 5.14
C THR A 20 4.09 1.17 5.29
N ILE A 21 4.35 2.46 5.10
CA ILE A 21 5.72 2.94 5.16
C ILE A 21 6.25 2.91 6.59
N GLN A 22 5.39 3.14 7.58
CA GLN A 22 5.87 3.05 8.95
C GLN A 22 6.28 1.61 9.26
N LEU A 23 5.50 0.63 8.78
CA LEU A 23 5.93 -0.76 8.94
C LEU A 23 7.24 -1.05 8.21
N ILE A 24 7.30 -0.75 6.91
CA ILE A 24 8.42 -1.19 6.08
C ILE A 24 9.71 -0.42 6.40
N GLN A 25 9.58 0.87 6.65
CA GLN A 25 10.73 1.77 6.67
C GLN A 25 10.91 2.47 8.01
N ASN A 26 10.00 2.23 8.97
CA ASN A 26 10.09 2.86 10.29
CA ASN A 26 10.07 2.86 10.30
C ASN A 26 10.14 4.38 10.19
N HIS A 27 9.34 4.93 9.28
CA HIS A 27 9.34 6.34 8.98
C HIS A 27 7.90 6.81 8.79
N PHE A 28 7.55 7.99 9.33
CA PHE A 28 6.21 8.54 9.15
C PHE A 28 6.19 9.49 7.96
N VAL A 29 5.27 9.23 7.01
CA VAL A 29 5.08 10.06 5.83
C VAL A 29 4.14 11.20 6.22
N ASP A 30 4.64 12.41 6.25
CA ASP A 30 3.82 13.56 6.60
C ASP A 30 3.00 14.07 5.44
N GLU A 31 3.47 13.88 4.21
CA GLU A 31 2.78 14.37 3.03
C GLU A 31 1.63 13.45 2.64
N TYR A 32 0.63 14.02 1.96
CA TYR A 32 -0.54 13.30 1.47
C TYR A 32 -0.41 13.26 -0.06
N ASP A 33 0.22 12.19 -0.55
CA ASP A 33 0.35 11.90 -1.98
C ASP A 33 -0.56 10.74 -2.35
N PRO A 34 -1.71 11.00 -3.02
CA PRO A 34 -2.70 9.93 -3.23
C PRO A 34 -2.12 8.77 -4.01
N THR A 35 -2.43 7.57 -3.54
CA THR A 35 -1.93 6.34 -4.14
C THR A 35 -2.76 5.92 -5.34
N ILE A 36 -2.07 5.41 -6.36
CA ILE A 36 -2.75 4.60 -7.39
C ILE A 36 -2.60 3.14 -6.98
N GLU A 37 -1.37 2.64 -6.94
CA GLU A 37 -1.07 1.34 -6.33
C GLU A 37 0.43 1.21 -6.20
N ASP A 38 0.88 0.60 -5.09
CA ASP A 38 2.30 0.38 -4.83
C ASP A 38 2.44 -0.91 -4.02
N SER A 39 3.50 -1.68 -4.27
CA SER A 39 3.78 -2.83 -3.44
C SER A 39 5.16 -2.69 -2.79
N TYR A 40 5.31 -3.32 -1.62
CA TYR A 40 6.55 -3.27 -0.85
C TYR A 40 6.78 -4.63 -0.22
N ARG A 41 7.98 -5.18 -0.39
CA ARG A 41 8.30 -6.51 0.09
C ARG A 41 9.38 -6.39 1.15
N LYS A 42 9.18 -7.05 2.29
CA LYS A 42 10.16 -7.01 3.35
C LYS A 42 10.19 -8.32 4.14
N GLN A 43 11.39 -8.79 4.44
CA GLN A 43 11.56 -9.95 5.31
C GLN A 43 11.38 -9.53 6.77
N VAL A 44 10.55 -10.28 7.50
CA VAL A 44 10.27 -10.00 8.91
C VAL A 44 10.26 -11.30 9.70
N VAL A 45 10.40 -11.17 11.02
CA VAL A 45 10.26 -12.30 11.94
C VAL A 45 8.98 -12.10 12.74
N ILE A 46 8.09 -13.07 12.68
CA ILE A 46 6.81 -13.03 13.38
C ILE A 46 6.71 -14.29 14.22
N ASP A 47 6.65 -14.12 15.54
CA ASP A 47 6.58 -15.25 16.48
C ASP A 47 7.75 -16.22 16.25
N GLY A 48 8.93 -15.66 15.98
CA GLY A 48 10.13 -16.45 15.84
C GLY A 48 10.31 -17.11 14.49
N GLU A 49 9.41 -16.88 13.55
CA GLU A 49 9.43 -17.55 12.25
C GLU A 49 9.52 -16.51 11.16
N THR A 50 10.56 -16.61 10.36
CA THR A 50 10.83 -15.63 9.32
C THR A 50 9.88 -15.83 8.13
N CYS A 51 9.48 -14.72 7.51
CA CYS A 51 8.65 -14.78 6.31
C CYS A 51 8.85 -13.50 5.53
N LEU A 52 8.31 -13.47 4.32
CA LEU A 52 8.35 -12.31 3.45
C LEU A 52 6.96 -11.69 3.39
N LEU A 53 6.85 -10.43 3.80
CA LEU A 53 5.61 -9.68 3.62
C LEU A 53 5.62 -9.01 2.25
N ASP A 54 4.53 -9.17 1.51
CA ASP A 54 4.33 -8.50 0.23
C ASP A 54 3.11 -7.62 0.47
N ILE A 55 3.32 -6.33 0.75
CA ILE A 55 2.25 -5.41 1.14
C ILE A 55 1.80 -4.64 -0.08
N LEU A 56 0.51 -4.74 -0.40
CA LEU A 56 -0.10 -3.97 -1.48
C LEU A 56 -0.84 -2.78 -0.90
N ASP A 57 -0.36 -1.59 -1.24
CA ASP A 57 -0.92 -0.31 -0.81
C ASP A 57 -1.83 0.18 -1.92
N THR A 58 -3.11 0.41 -1.62
CA THR A 58 -4.11 0.61 -2.67
C THR A 58 -4.69 2.01 -2.66
N ALA A 59 -5.48 2.31 -3.68
CA ALA A 59 -6.08 3.64 -3.83
C ALA A 59 -7.35 3.77 -3.01
N GLY A 60 -7.44 4.86 -2.25
CA GLY A 60 -8.71 5.22 -1.68
C GLY A 60 -9.57 5.99 -2.65
N GLN A 61 -8.93 6.68 -3.61
CA GLN A 61 -9.68 7.46 -4.60
C GLN A 61 -10.58 6.55 -5.43
N GLU A 62 -11.88 6.90 -5.45
CA GLU A 62 -12.87 6.05 -6.09
C GLU A 62 -12.63 5.91 -7.58
N GLU A 63 -11.90 6.84 -8.21
CA GLU A 63 -11.63 6.72 -9.65
C GLU A 63 -10.78 5.50 -9.99
N TYR A 64 -10.11 4.90 -9.01
CA TYR A 64 -9.34 3.67 -9.25
C TYR A 64 -10.05 2.44 -8.71
N SER A 65 -11.37 2.50 -8.50
CA SER A 65 -12.06 1.39 -7.86
C SER A 65 -12.05 0.12 -8.71
N ALA A 66 -11.91 0.26 -10.04
CA ALA A 66 -11.91 -0.92 -10.92
C ALA A 66 -10.79 -1.89 -10.58
N MET A 67 -9.71 -1.36 -10.01
CA MET A 67 -8.52 -2.12 -9.67
C MET A 67 -8.80 -3.13 -8.57
N ARG A 68 -9.83 -2.88 -7.74
CA ARG A 68 -10.09 -3.74 -6.60
C ARG A 68 -10.19 -5.20 -7.00
N ASP A 69 -10.91 -5.49 -8.05
CA ASP A 69 -11.12 -6.88 -8.43
C ASP A 69 -9.83 -7.69 -8.49
N GLN A 70 -8.85 -7.21 -9.24
CA GLN A 70 -7.60 -7.95 -9.36
C GLN A 70 -6.98 -8.21 -8.00
N TYR A 71 -6.77 -7.16 -7.21
CA TYR A 71 -6.01 -7.38 -5.99
C TYR A 71 -6.85 -8.06 -4.91
N MET A 72 -8.18 -7.95 -4.96
CA MET A 72 -8.97 -8.66 -3.96
C MET A 72 -9.00 -10.15 -4.21
N ARG A 73 -8.84 -10.57 -5.46
CA ARG A 73 -8.83 -12.01 -5.76
C ARG A 73 -7.60 -12.69 -5.15
N THR A 74 -6.42 -12.09 -5.33
CA THR A 74 -5.19 -12.75 -4.88
C THR A 74 -4.76 -12.31 -3.48
N GLY A 75 -5.36 -11.27 -2.91
CA GLY A 75 -4.95 -10.86 -1.57
C GLY A 75 -5.23 -11.94 -0.55
N GLU A 76 -4.27 -12.17 0.35
CA GLU A 76 -4.39 -13.27 1.31
C GLU A 76 -4.79 -12.80 2.70
N GLY A 77 -4.69 -11.49 2.97
CA GLY A 77 -5.22 -10.89 4.17
C GLY A 77 -5.36 -9.41 3.93
N PHE A 78 -6.34 -8.79 4.62
CA PHE A 78 -6.71 -7.40 4.37
C PHE A 78 -6.73 -6.60 5.65
N LEU A 79 -6.08 -5.45 5.63
CA LEU A 79 -6.31 -4.41 6.63
C LEU A 79 -7.37 -3.49 6.06
N CYS A 80 -8.52 -3.41 6.73
CA CYS A 80 -9.63 -2.54 6.34
C CYS A 80 -9.50 -1.31 7.23
N VAL A 81 -8.98 -0.23 6.67
CA VAL A 81 -8.56 0.94 7.46
C VAL A 81 -9.59 2.06 7.34
N PHE A 82 -9.97 2.63 8.49
CA PHE A 82 -10.67 3.90 8.53
C PHE A 82 -9.88 4.82 9.44
N ALA A 83 -10.25 6.09 9.46
CA ALA A 83 -9.61 7.05 10.37
C ALA A 83 -10.58 7.40 11.47
N ILE A 84 -10.08 7.48 12.71
CA ILE A 84 -10.99 7.67 13.84
C ILE A 84 -11.62 9.06 13.86
N ASN A 85 -11.15 9.98 13.02
CA ASN A 85 -11.76 11.32 12.91
C ASN A 85 -12.52 11.51 11.60
N ASN A 86 -12.95 10.41 10.97
CA ASN A 86 -13.61 10.44 9.65
C ASN A 86 -14.74 9.41 9.64
N THR A 87 -15.96 9.84 10.00
CA THR A 87 -17.06 8.88 10.06
C THR A 87 -17.38 8.31 8.69
N LYS A 88 -17.18 9.07 7.63
CA LYS A 88 -17.44 8.56 6.30
C LYS A 88 -16.51 7.39 5.96
N SER A 89 -15.24 7.52 6.35
CA SER A 89 -14.32 6.42 6.09
C SER A 89 -14.76 5.16 6.84
N PHE A 90 -15.39 5.33 8.00
CA PHE A 90 -15.92 4.18 8.75
C PHE A 90 -17.13 3.59 8.02
N GLU A 91 -18.02 4.43 7.52
CA GLU A 91 -19.15 3.99 6.71
C GLU A 91 -18.67 3.20 5.50
N ASP A 92 -17.54 3.61 4.92
CA ASP A 92 -17.03 2.99 3.70
C ASP A 92 -16.47 1.59 3.89
N ILE A 93 -16.18 1.18 5.12
CA ILE A 93 -15.55 -0.13 5.35
C ILE A 93 -16.36 -1.24 4.69
N HIS A 94 -17.68 -1.22 4.89
CA HIS A 94 -18.52 -2.31 4.41
C HIS A 94 -18.37 -2.52 2.92
N GLN A 95 -18.21 -1.46 2.14
CA GLN A 95 -18.10 -1.63 0.70
C GLN A 95 -16.91 -2.51 0.33
N TYR A 96 -15.79 -2.29 1.02
CA TYR A 96 -14.62 -3.08 0.72
C TYR A 96 -14.84 -4.55 1.05
N ARG A 97 -15.48 -4.81 2.17
CA ARG A 97 -15.77 -6.18 2.53
C ARG A 97 -16.68 -6.83 1.54
N GLU A 98 -17.67 -6.11 1.05
CA GLU A 98 -18.56 -6.67 0.04
C GLU A 98 -17.90 -6.96 -1.28
N GLN A 99 -16.95 -6.13 -1.65
CA GLN A 99 -16.28 -6.42 -2.85
C GLN A 99 -15.37 -7.60 -2.65
N ILE A 100 -14.63 -7.63 -1.54
CA ILE A 100 -13.91 -8.88 -1.31
C ILE A 100 -14.79 -10.13 -1.40
N LYS A 101 -16.08 -10.02 -1.10
CA LYS A 101 -16.99 -11.17 -1.19
C LYS A 101 -17.38 -11.53 -2.62
N ARG A 102 -17.57 -10.54 -3.46
CA ARG A 102 -18.01 -10.84 -4.81
C ARG A 102 -16.92 -11.61 -5.58
N VAL A 103 -15.64 -11.45 -5.22
CA VAL A 103 -14.61 -12.18 -5.94
C VAL A 103 -14.11 -13.43 -5.21
N LYS A 104 -14.24 -13.50 -3.88
CA LYS A 104 -13.81 -14.67 -3.13
C LYS A 104 -14.96 -15.59 -2.74
N ASP A 105 -16.21 -15.20 -3.03
CA ASP A 105 -17.43 -15.93 -2.74
C ASP A 105 -17.72 -16.02 -1.25
N SER A 106 -16.91 -15.35 -0.46
CA SER A 106 -17.11 -15.32 0.96
C SER A 106 -16.25 -14.21 1.46
N ASP A 107 -16.31 -13.95 2.74
CA ASP A 107 -15.40 -12.98 3.33
C ASP A 107 -14.44 -13.85 4.15
N ASP A 108 -14.41 -15.15 3.85
CA ASP A 108 -13.55 -16.13 4.55
C ASP A 108 -12.10 -15.88 4.23
N VAL A 109 -11.64 -14.72 4.59
CA VAL A 109 -10.26 -14.31 4.38
C VAL A 109 -9.84 -13.54 5.63
N PRO A 110 -8.62 -13.77 6.09
CA PRO A 110 -8.10 -12.98 7.21
C PRO A 110 -8.30 -11.49 6.96
N MET A 111 -8.86 -10.80 7.94
CA MET A 111 -9.09 -9.36 7.86
C MET A 111 -8.94 -8.78 9.26
N VAL A 112 -8.46 -7.55 9.32
CA VAL A 112 -8.40 -6.78 10.55
C VAL A 112 -9.07 -5.44 10.28
N LEU A 113 -9.94 -5.00 11.19
CA LEU A 113 -10.48 -3.65 11.14
C LEU A 113 -9.50 -2.72 11.86
N VAL A 114 -9.03 -1.69 11.16
CA VAL A 114 -7.97 -0.82 11.67
C VAL A 114 -8.52 0.58 11.81
N GLY A 115 -8.49 1.10 13.05
CA GLY A 115 -8.87 2.48 13.29
C GLY A 115 -7.62 3.31 13.43
N ASN A 116 -7.25 4.02 12.37
CA ASN A 116 -5.98 4.73 12.31
C ASN A 116 -6.12 6.19 12.76
N LYS A 117 -4.95 6.82 13.01
CA LYS A 117 -4.81 8.20 13.48
C LYS A 117 -5.22 8.35 14.94
N CYS A 118 -5.01 7.31 15.74
CA CYS A 118 -5.41 7.37 17.15
CA CYS A 118 -5.40 7.35 17.15
C CYS A 118 -4.54 8.28 18.00
N ASP A 119 -3.49 8.86 17.41
CA ASP A 119 -2.74 9.90 18.09
C ASP A 119 -3.51 11.22 18.18
N LEU A 120 -4.54 11.38 17.35
CA LEU A 120 -5.29 12.62 17.31
C LEU A 120 -6.31 12.66 18.44
N ALA A 121 -6.46 13.85 19.05
CA ALA A 121 -7.35 13.98 20.20
C ALA A 121 -8.81 13.92 19.78
N ALA A 122 -9.13 14.44 18.60
CA ALA A 122 -10.53 14.58 18.19
C ALA A 122 -10.92 13.27 17.51
N ARG A 123 -11.85 12.55 18.12
CA ARG A 123 -12.37 11.30 17.56
C ARG A 123 -13.85 11.47 17.28
N THR A 124 -14.28 11.07 16.08
CA THR A 124 -15.69 11.08 15.73
C THR A 124 -16.27 9.70 15.54
N VAL A 125 -15.43 8.67 15.48
CA VAL A 125 -15.86 7.28 15.48
C VAL A 125 -15.64 6.72 16.88
N GLU A 126 -16.72 6.31 17.53
CA GLU A 126 -16.60 5.78 18.88
C GLU A 126 -15.87 4.43 18.89
N SER A 127 -15.03 4.23 19.91
CA SER A 127 -14.36 2.94 20.03
CA SER A 127 -14.36 2.94 20.05
C SER A 127 -15.35 1.78 20.12
N ARG A 128 -16.44 1.96 20.88
CA ARG A 128 -17.39 0.86 21.01
C ARG A 128 -18.09 0.55 19.69
N GLN A 129 -18.29 1.58 18.86
CA GLN A 129 -18.89 1.39 17.54
C GLN A 129 -17.95 0.61 16.63
N ALA A 130 -16.65 0.94 16.65
CA ALA A 130 -15.72 0.18 15.84
C ALA A 130 -15.57 -1.26 16.35
N GLN A 131 -15.52 -1.44 17.68
CA GLN A 131 -15.49 -2.77 18.26
C GLN A 131 -16.71 -3.59 17.84
N ASP A 132 -17.88 -2.95 17.84
CA ASP A 132 -19.10 -3.66 17.46
C ASP A 132 -19.11 -4.01 15.98
N LEU A 133 -18.62 -3.12 15.13
CA LEU A 133 -18.52 -3.46 13.71
C LEU A 133 -17.63 -4.68 13.52
N ALA A 134 -16.45 -4.66 14.15
CA ALA A 134 -15.52 -5.79 14.02
C ALA A 134 -16.16 -7.07 14.50
N ARG A 135 -16.88 -7.00 15.64
CA ARG A 135 -17.58 -8.18 16.14
C ARG A 135 -18.62 -8.67 15.14
N SER A 136 -19.35 -7.75 14.50
CA SER A 136 -20.35 -8.16 13.52
C SER A 136 -19.73 -8.87 12.32
N TYR A 137 -18.44 -8.65 12.07
CA TYR A 137 -17.70 -9.31 11.01
C TYR A 137 -16.92 -10.52 11.50
N GLY A 138 -16.80 -10.70 12.80
CA GLY A 138 -15.96 -11.76 13.37
C GLY A 138 -14.48 -11.56 13.16
N ILE A 139 -14.02 -10.31 13.18
CA ILE A 139 -12.61 -9.99 12.94
C ILE A 139 -12.11 -9.10 14.08
N PRO A 140 -10.79 -9.04 14.27
CA PRO A 140 -10.25 -8.16 15.31
C PRO A 140 -10.39 -6.70 14.96
N TYR A 141 -10.41 -5.85 15.98
CA TYR A 141 -10.28 -4.41 15.83
C TYR A 141 -8.98 -3.96 16.49
N ILE A 142 -8.16 -3.24 15.74
CA ILE A 142 -6.90 -2.72 16.27
C ILE A 142 -6.80 -1.22 15.99
N GLU A 143 -6.53 -0.44 17.03
CA GLU A 143 -6.31 0.99 16.89
C GLU A 143 -4.84 1.24 16.58
N THR A 144 -4.58 2.09 15.59
CA THR A 144 -3.21 2.35 15.16
C THR A 144 -2.94 3.84 15.06
N SER A 145 -1.66 4.17 15.09
CA SER A 145 -1.17 5.46 14.65
C SER A 145 0.05 5.22 13.78
N ALA A 146 -0.07 5.55 12.50
CA ALA A 146 1.11 5.52 11.65
C ALA A 146 2.16 6.52 12.11
N LYS A 147 1.74 7.54 12.84
CA LYS A 147 2.68 8.57 13.28
C LYS A 147 3.51 8.09 14.47
N THR A 148 2.86 7.49 15.49
CA THR A 148 3.61 7.03 16.66
C THR A 148 4.06 5.58 16.59
N ARG A 149 3.54 4.85 15.61
CA ARG A 149 3.81 3.42 15.46
C ARG A 149 2.94 2.53 16.33
N GLN A 150 2.14 3.14 17.20
CA GLN A 150 1.20 2.36 18.00
C GLN A 150 0.37 1.41 17.14
N GLY A 151 0.39 0.13 17.52
CA GLY A 151 -0.48 -0.86 16.92
C GLY A 151 -0.11 -1.30 15.52
N VAL A 152 0.92 -0.73 14.91
CA VAL A 152 1.17 -1.00 13.49
C VAL A 152 1.63 -2.45 13.27
N GLU A 153 2.60 -2.92 14.05
CA GLU A 153 3.02 -4.31 13.90
C GLU A 153 1.89 -5.27 14.25
N ASP A 154 1.15 -4.97 15.33
CA ASP A 154 0.01 -5.81 15.69
C ASP A 154 -0.96 -5.98 14.53
N ALA A 155 -1.29 -4.88 13.85
CA ALA A 155 -2.25 -4.95 12.75
C ALA A 155 -1.76 -5.88 11.65
N PHE A 156 -0.52 -5.68 11.18
CA PHE A 156 -0.02 -6.48 10.07
C PHE A 156 0.28 -7.91 10.51
N TYR A 157 0.86 -8.07 11.69
CA TYR A 157 1.26 -9.42 12.13
C TYR A 157 0.05 -10.28 12.47
N THR A 158 -1.06 -9.66 12.89
CA THR A 158 -2.27 -10.42 13.14
C THR A 158 -2.76 -11.14 11.88
N LEU A 159 -2.66 -10.48 10.71
CA LEU A 159 -3.01 -11.14 9.46
C LEU A 159 -2.15 -12.37 9.22
N VAL A 160 -0.84 -12.26 9.43
CA VAL A 160 0.04 -13.40 9.19
C VAL A 160 -0.30 -14.54 10.15
N ARG A 161 -0.56 -14.21 11.41
CA ARG A 161 -0.95 -15.23 12.37
C ARG A 161 -2.25 -15.92 11.94
N GLU A 162 -3.20 -15.15 11.42
CA GLU A 162 -4.47 -15.74 10.99
C GLU A 162 -4.27 -16.67 9.80
N ILE A 163 -3.40 -16.29 8.86
CA ILE A 163 -3.10 -17.17 7.74
C ILE A 163 -2.43 -18.45 8.23
N ARG A 164 -1.47 -18.32 9.14
CA ARG A 164 -0.73 -19.48 9.64
C ARG A 164 -1.62 -20.46 10.37
N GLN A 165 -2.72 -19.98 10.96
CA GLN A 165 -3.59 -20.79 11.80
C GLN A 165 -4.82 -21.30 11.07
N HIS A 166 -4.93 -21.09 9.76
CA HIS A 166 -6.05 -21.58 8.97
C HIS A 166 -6.32 -23.06 9.21
N GLU B 3 -9.68 7.58 -14.94
CA GLU B 3 -8.34 7.35 -14.41
C GLU B 3 -7.32 8.27 -15.08
N SER B 4 -6.33 8.72 -14.31
CA SER B 4 -5.17 9.40 -14.86
C SER B 4 -4.28 8.42 -15.62
N LEU B 5 -3.44 8.97 -16.50
CA LEU B 5 -2.32 8.21 -17.04
C LEU B 5 -1.29 7.95 -15.95
N PHE B 6 -0.62 6.80 -16.02
CA PHE B 6 0.42 6.51 -15.05
C PHE B 6 1.39 5.50 -15.63
N VAL B 7 2.59 5.46 -15.04
CA VAL B 7 3.66 4.60 -15.50
C VAL B 7 3.95 3.58 -14.41
N ARG B 8 4.28 2.35 -14.79
CA ARG B 8 4.63 1.30 -13.83
CA ARG B 8 4.63 1.30 -13.83
C ARG B 8 6.15 1.26 -13.67
N ILE B 9 6.63 1.40 -12.43
CA ILE B 9 8.05 1.33 -12.13
C ILE B 9 8.30 0.07 -11.29
N ASN B 10 9.07 -0.86 -11.85
CA ASN B 10 9.46 -2.07 -11.14
C ASN B 10 10.79 -1.82 -10.44
N ALA B 11 10.82 -2.03 -9.12
CA ALA B 11 11.99 -1.77 -8.28
C ALA B 11 12.41 -3.04 -7.54
N ALA B 12 13.49 -2.91 -6.74
CA ALA B 12 14.09 -4.08 -6.11
C ALA B 12 13.10 -4.81 -5.19
N HIS B 13 12.20 -4.07 -4.53
CA HIS B 13 11.32 -4.66 -3.51
C HIS B 13 9.85 -4.37 -3.78
N GLY B 14 9.46 -4.22 -5.05
CA GLY B 14 8.07 -4.04 -5.39
C GLY B 14 7.92 -3.09 -6.56
N PHE B 15 6.68 -2.71 -6.86
CA PHE B 15 6.42 -1.79 -7.95
C PHE B 15 5.68 -0.57 -7.44
N SER B 16 5.79 0.50 -8.21
CA SER B 16 5.06 1.74 -7.92
C SER B 16 4.41 2.24 -9.20
N LEU B 17 3.14 2.64 -9.10
CA LEU B 17 2.46 3.30 -10.22
C LEU B 17 2.59 4.81 -10.02
N ILE B 18 3.20 5.47 -11.00
CA ILE B 18 3.56 6.90 -10.89
C ILE B 18 2.63 7.70 -11.79
N GLN B 19 1.82 8.54 -11.18
CA GLN B 19 0.89 9.40 -11.92
C GLN B 19 1.67 10.37 -12.80
N VAL B 20 1.20 10.59 -14.03
CA VAL B 20 1.75 11.61 -14.91
C VAL B 20 0.61 12.42 -15.52
N ASP B 21 0.79 13.74 -15.61
CA ASP B 21 -0.23 14.60 -16.18
C ASP B 21 -0.32 14.46 -17.69
N ASN B 22 0.78 14.11 -18.35
CA ASN B 22 0.86 14.01 -19.80
C ASN B 22 2.18 13.33 -20.14
N THR B 23 2.37 13.02 -21.42
CA THR B 23 3.58 12.34 -21.85
C THR B 23 4.73 13.29 -22.16
N LYS B 24 4.56 14.58 -21.89
CA LYS B 24 5.69 15.50 -21.98
C LYS B 24 6.55 15.52 -20.73
N VAL B 25 6.10 14.87 -19.65
CA VAL B 25 6.92 14.71 -18.46
C VAL B 25 8.25 14.06 -18.85
N THR B 26 9.32 14.48 -18.20
CA THR B 26 10.63 13.90 -18.45
C THR B 26 10.81 12.63 -17.62
N MET B 27 11.64 11.72 -18.12
CA MET B 27 11.97 10.53 -17.33
C MET B 27 12.68 10.90 -16.02
N LYS B 28 13.41 12.03 -16.00
CA LYS B 28 13.99 12.50 -14.74
C LYS B 28 12.92 12.73 -13.68
N GLU B 29 11.81 13.38 -14.06
CA GLU B 29 10.74 13.64 -13.09
C GLU B 29 10.17 12.33 -12.56
N ILE B 30 10.00 11.33 -13.43
CA ILE B 30 9.45 10.05 -13.02
C ILE B 30 10.39 9.34 -12.07
N LEU B 31 11.69 9.30 -12.40
CA LEU B 31 12.68 8.70 -11.52
C LEU B 31 12.65 9.34 -10.14
N LEU B 32 12.65 10.67 -10.10
CA LEU B 32 12.68 11.35 -8.80
C LEU B 32 11.48 10.98 -7.95
N LYS B 33 10.29 10.90 -8.56
CA LYS B 33 9.09 10.51 -7.81
C LYS B 33 9.21 9.10 -7.28
N ALA B 34 9.70 8.16 -8.11
CA ALA B 34 9.77 6.76 -7.70
C ALA B 34 10.79 6.58 -6.58
N VAL B 35 11.93 7.25 -6.66
CA VAL B 35 12.94 7.11 -5.61
C VAL B 35 12.44 7.70 -4.30
N LYS B 36 11.80 8.87 -4.37
CA LYS B 36 11.33 9.51 -3.13
C LYS B 36 10.29 8.66 -2.43
N ARG B 37 9.36 8.08 -3.18
CA ARG B 37 8.35 7.24 -2.56
C ARG B 37 8.95 5.97 -1.98
N ARG B 38 9.75 5.26 -2.79
CA ARG B 38 10.19 3.93 -2.41
C ARG B 38 11.42 3.92 -1.51
N LYS B 39 12.31 4.90 -1.62
CA LYS B 39 13.54 4.90 -0.83
C LYS B 39 13.64 6.06 0.15
N GLY B 40 12.76 7.06 0.05
CA GLY B 40 12.83 8.16 0.98
C GLY B 40 13.99 9.11 0.67
N SER B 41 14.51 9.75 1.70
CA SER B 41 15.59 10.72 1.56
C SER B 41 16.89 10.07 1.08
N GLY B 46 25.41 9.10 -1.65
CA GLY B 46 24.02 8.69 -1.85
C GLY B 46 23.88 7.80 -3.06
N PRO B 47 23.23 6.65 -2.88
CA PRO B 47 23.13 5.69 -3.99
C PRO B 47 22.40 6.28 -5.17
N GLN B 48 22.86 5.98 -6.38
CA GLN B 48 22.26 6.54 -7.58
C GLN B 48 21.44 5.51 -8.35
N TYR B 49 20.48 5.98 -9.15
CA TYR B 49 19.58 5.07 -9.83
C TYR B 49 19.48 5.42 -11.31
N ARG B 50 19.15 4.42 -12.11
CA ARG B 50 18.74 4.61 -13.49
C ARG B 50 17.35 4.01 -13.70
N LEU B 51 16.71 4.42 -14.79
CA LEU B 51 15.52 3.76 -15.30
C LEU B 51 15.89 3.00 -16.56
N GLU B 52 15.24 1.85 -16.76
CA GLU B 52 15.40 1.05 -17.98
C GLU B 52 14.03 0.76 -18.55
N LYS B 53 13.88 0.81 -19.87
CA LYS B 53 12.66 0.29 -20.49
C LYS B 53 12.49 -1.17 -20.09
N GLN B 54 11.25 -1.59 -19.84
CA GLN B 54 11.03 -2.99 -19.47
C GLN B 54 11.62 -3.95 -20.51
N SER B 55 11.52 -3.59 -21.79
CA SER B 55 11.94 -4.46 -22.87
C SER B 55 13.39 -4.27 -23.29
N GLU B 56 14.17 -3.47 -22.56
CA GLU B 56 15.59 -3.29 -22.89
C GLU B 56 16.44 -3.27 -21.64
N PRO B 57 16.79 -4.45 -21.13
CA PRO B 57 17.59 -4.52 -19.89
C PRO B 57 18.97 -3.92 -20.07
N ASN B 58 19.48 -3.38 -18.96
CA ASN B 58 20.86 -2.95 -18.80
C ASN B 58 21.20 -1.65 -19.52
N VAL B 59 20.22 -0.94 -20.09
CA VAL B 59 20.47 0.32 -20.78
C VAL B 59 19.72 1.43 -20.05
N ALA B 60 20.44 2.47 -19.65
CA ALA B 60 19.79 3.58 -18.96
C ALA B 60 19.03 4.44 -19.96
N VAL B 61 17.78 4.76 -19.64
CA VAL B 61 17.06 5.72 -20.47
C VAL B 61 17.62 7.12 -20.24
N ASP B 62 17.55 7.93 -21.29
CA ASP B 62 17.93 9.34 -21.20
C ASP B 62 16.94 10.06 -20.30
N LEU B 63 17.41 10.45 -19.11
CA LEU B 63 16.50 11.08 -18.15
C LEU B 63 16.02 12.44 -18.62
N ASP B 64 16.70 13.07 -19.57
CA ASP B 64 16.24 14.34 -20.10
C ASP B 64 15.21 14.20 -21.21
N SER B 65 14.93 12.98 -21.67
CA SER B 65 13.94 12.75 -22.71
C SER B 65 12.54 12.64 -22.11
N THR B 66 11.54 12.80 -22.95
CA THR B 66 10.16 12.74 -22.50
C THR B 66 9.66 11.30 -22.43
N LEU B 67 8.64 11.10 -21.59
CA LEU B 67 7.96 9.81 -21.55
C LEU B 67 7.46 9.40 -22.93
N GLU B 68 6.90 10.35 -23.69
CA GLU B 68 6.41 10.05 -25.03
C GLU B 68 7.50 9.46 -25.90
N SER B 69 8.73 9.98 -25.79
CA SER B 69 9.82 9.52 -26.65
C SER B 69 10.22 8.09 -26.37
N GLN B 70 9.89 7.56 -25.19
CA GLN B 70 10.24 6.21 -24.82
C GLN B 70 9.36 5.16 -25.46
N SER B 71 8.14 5.53 -25.86
CA SER B 71 7.16 4.56 -26.37
C SER B 71 7.08 3.35 -25.44
N ALA B 72 6.98 3.63 -24.14
CA ALA B 72 6.90 2.59 -23.14
C ALA B 72 6.21 3.15 -21.91
N TRP B 73 5.58 2.24 -21.17
CA TRP B 73 4.80 2.60 -19.99
C TRP B 73 5.20 1.78 -18.78
N GLU B 74 6.24 0.99 -18.91
CA GLU B 74 6.78 0.19 -17.83
C GLU B 74 8.31 0.28 -17.84
N PHE B 75 8.89 0.54 -16.67
CA PHE B 75 10.34 0.72 -16.55
C PHE B 75 10.83 0.03 -15.29
N CYS B 76 12.11 -0.33 -15.28
CA CYS B 76 12.77 -0.86 -14.10
C CYS B 76 13.64 0.21 -13.46
N LEU B 77 13.52 0.36 -12.14
CA LEU B 77 14.36 1.24 -11.34
C LEU B 77 15.50 0.41 -10.78
N VAL B 78 16.73 0.73 -11.18
CA VAL B 78 17.89 -0.11 -10.88
C VAL B 78 18.96 0.78 -10.24
N ARG B 79 19.50 0.31 -9.11
CA ARG B 79 20.69 0.96 -8.54
C ARG B 79 21.83 0.94 -9.54
N GLU B 80 22.58 2.04 -9.61
CA GLU B 80 23.59 2.16 -10.65
C GLU B 80 24.69 1.12 -10.50
N ASN B 81 24.98 0.67 -9.28
CA ASN B 81 25.96 -0.38 -9.07
C ASN B 81 25.35 -1.78 -9.13
N SER B 82 24.20 -1.96 -9.78
CA SER B 82 23.54 -3.25 -9.76
C SER B 82 22.86 -3.50 -11.11
N SER B 83 22.02 -4.53 -11.14
CA SER B 83 21.27 -4.94 -12.32
C SER B 83 19.85 -5.31 -11.90
N ARG B 84 18.94 -5.33 -12.88
CA ARG B 84 17.51 -5.50 -12.60
C ARG B 84 17.10 -6.87 -12.05
PG GNP C . -4.89 7.53 -0.55
O1G GNP C . -5.16 8.63 -1.47
O2G GNP C . -3.60 6.73 -1.00
O3G GNP C . -6.12 6.53 -0.47
N3B GNP C . -4.57 8.21 1.00
PB GNP C . -3.90 7.22 2.27
O1B GNP C . -4.92 6.34 2.85
O2B GNP C . -2.66 6.36 1.73
O3A GNP C . -3.42 8.24 3.38
PA GNP C . -1.90 8.72 3.54
O1A GNP C . -1.12 7.61 4.15
O2A GNP C . -1.45 9.41 2.30
O5' GNP C . -2.12 9.82 4.67
C5' GNP C . -2.89 10.97 4.41
C4' GNP C . -2.52 12.06 5.42
O4' GNP C . -2.86 11.63 6.73
C3' GNP C . -1.03 12.33 5.41
O3' GNP C . -0.81 13.73 5.57
C2' GNP C . -0.51 11.60 6.63
O2' GNP C . 0.62 12.27 7.21
C1' GNP C . -1.70 11.63 7.56
N9 GNP C . -1.70 10.44 8.43
C8 GNP C . -1.70 9.16 8.06
N7 GNP C . -1.72 8.33 9.13
C5 GNP C . -1.74 9.12 10.22
C6 GNP C . -1.76 8.92 11.67
O6 GNP C . -1.76 7.78 12.16
N1 GNP C . -1.78 10.01 12.45
C2 GNP C . -1.77 11.25 11.95
N2 GNP C . -1.80 12.31 12.80
N3 GNP C . -1.75 11.51 10.63
C4 GNP C . -1.73 10.50 9.74
MG MG D . -1.97 6.06 -0.13
#